data_1TL8
#
_entry.id   1TL8
#
_cell.length_a   56.949
_cell.length_b   114.141
_cell.length_c   73.499
_cell.angle_alpha   90.00
_cell.angle_beta   94.18
_cell.angle_gamma   90.00
#
_symmetry.space_group_name_H-M   'P 1 21 1'
#
loop_
_entity.id
_entity.type
_entity.pdbx_description
1 polymer "5'-D(*AP*AP*AP*AP*AP*GP*AP*CP*TP*T)-3'"
2 polymer "5'-D(*(TPC)P*GP*AP*AP*AP*AP*AP*TP*TP*TP*TP*T)-3'"
3 polymer "5'-D(*AP*AP*AP*AP*AP*TP*TP*TP*TP*TP*CP*GP*AP*AP*GP*TP*CP*TP*TP*TP*TP*T)-3'"
4 polymer 'DNA topoisomerase I'
5 non-polymer 2,3-DIMETHOXY-12H-[1,3]DIOXOLO[5,6]INDENO[1,2-C]ISOQUINOLIN-6-IUM
#
loop_
_entity_poly.entity_id
_entity_poly.type
_entity_poly.pdbx_seq_one_letter_code
_entity_poly.pdbx_strand_id
1 'polydeoxyribonucleotide' (DA)(DA)(DA)(DA)(DA)(DG)(DA)(DC)(DT)(DT) B
2 'polydeoxyribonucleotide' (TPC)(DG)(DA)(DA)(DA)(DA)(DA)(DT)(DT)(DT)(DT)(DT) C
3 'polydeoxyribonucleotide'
;(DA)(DA)(DA)(DA)(DA)(DT)(DT)(DT)(DT)(DT)(DC)(DG)(DA)(DA)(DG)(DT)(DC)(DT)(DT)(DT)
(DT)(DT)
;
D
4 'polypeptide(L)'
;KKPKNKDKDKKVPEPDNKKKKPKKEEEQKWKWWEEERYPEGIKWKFLEHKGPVFAPPYEPLPENVKFYYDGKVMKLSPKA
EEVATFFAKMLDHEYTTKEIFRKNFFKDWRKEMTNEEKNIITNLSKCDFTQMSQYFKAQTEARKQMSKEEKLKIKEENEK
LLKEYGFCIMDNHKERIANFKIEPPGLFRGRGNHPKMGMLKRRIMPEDIIINCSKDAKVPSPPPGHKWKEVRHDNKVTWL
VSWTENIQGSIKYIMLNPSSRIKGEKDWQKYETARRLKKCVDKIRNQYREDWKSKEMKVRQRAVALYFIDKLALRAGNEK
EEGETADTVGCCSLRVEHINLHPELDGQEYVVEFDFLGKDSIRYYNKVPVEKRVFKNLQLFMENKQPEDDLFDRLNTGIL
NKHLQDLMEGLTAKVFRTYNASITLQQQLKELTAPDENIPAKILSYNRANRAVAILCNHQRAPPKTFEKSMMNLQTKIDA
KKEQLADARRDLKSAKADAKVMKDAKTKKVVESKKKAVQRLEEQLMKLEVQATDREENKQIALGTSKLN(PTR)LDPRIT
VAWCKKWGVPIEKIYNKTQREKFAWAIDMADEDYEF
;
A
#
# COMPACT_ATOMS: atom_id res chain seq x y z
N GLN D 28 -1.44 5.78 27.74
CA GLN D 28 -0.74 4.83 28.66
C GLN D 28 0.83 4.93 28.68
N LYS D 29 1.48 4.76 27.50
CA LYS D 29 2.95 4.75 27.22
C LYS D 29 3.62 3.38 27.49
N TRP D 30 3.19 2.36 26.74
CA TRP D 30 3.70 1.00 26.90
C TRP D 30 4.85 0.58 26.01
N LYS D 31 6.01 0.50 26.63
CA LYS D 31 7.18 0.08 25.92
C LYS D 31 7.25 -1.44 25.91
N TRP D 32 6.66 -2.08 24.89
CA TRP D 32 6.66 -3.56 24.75
C TRP D 32 7.96 -4.15 24.21
N TRP D 33 8.74 -3.28 23.60
CA TRP D 33 10.01 -3.64 23.00
C TRP D 33 11.11 -3.90 24.01
N GLU D 34 10.80 -3.58 25.26
CA GLU D 34 11.69 -3.74 26.39
C GLU D 34 11.37 -5.03 27.07
N GLU D 35 10.15 -5.50 26.87
CA GLU D 35 9.70 -6.75 27.44
C GLU D 35 10.41 -7.93 26.83
N GLU D 36 10.38 -9.04 27.55
CA GLU D 36 11.00 -10.26 27.06
C GLU D 36 10.04 -10.79 25.98
N ARG D 37 10.57 -11.49 24.98
CA ARG D 37 9.76 -12.04 23.89
C ARG D 37 8.82 -13.19 24.33
N TYR D 38 8.05 -13.73 23.40
CA TYR D 38 7.13 -14.82 23.73
C TYR D 38 7.72 -16.11 23.18
N PRO D 39 7.70 -17.25 23.94
CA PRO D 39 8.25 -18.54 23.49
C PRO D 39 7.65 -19.04 22.16
N GLU D 40 8.28 -18.61 21.07
CA GLU D 40 7.98 -18.92 19.66
C GLU D 40 6.71 -19.78 19.39
N GLY D 41 5.78 -19.24 18.61
CA GLY D 41 4.57 -20.00 18.32
C GLY D 41 3.36 -19.78 19.22
N ILE D 42 3.57 -19.40 20.48
CA ILE D 42 2.47 -19.12 21.38
C ILE D 42 2.37 -17.60 21.27
N LYS D 43 1.22 -17.09 20.83
CA LYS D 43 1.06 -15.65 20.63
C LYS D 43 0.46 -14.83 21.75
N TRP D 44 -0.34 -15.44 22.64
CA TRP D 44 -0.96 -14.72 23.77
C TRP D 44 -1.45 -15.63 24.89
N LYS D 45 -1.90 -15.01 25.99
CA LYS D 45 -2.39 -15.75 27.17
C LYS D 45 -3.83 -15.38 27.45
N PHE D 46 -4.14 -14.12 27.19
CA PHE D 46 -5.47 -13.57 27.41
C PHE D 46 -5.89 -12.76 26.19
N LEU D 47 -7.15 -12.90 25.79
CA LEU D 47 -7.71 -12.15 24.68
C LEU D 47 -9.21 -11.93 24.82
N GLU D 48 -9.61 -10.68 25.07
CA GLU D 48 -11.00 -10.34 25.21
C GLU D 48 -11.33 -9.18 24.33
N HIS D 49 -12.39 -9.32 23.53
CA HIS D 49 -12.88 -8.25 22.65
C HIS D 49 -14.39 -8.32 22.40
N LYS D 50 -15.06 -7.16 22.38
CA LYS D 50 -16.54 -7.12 22.18
C LYS D 50 -16.98 -7.64 20.79
N GLY D 51 -16.06 -8.28 20.07
CA GLY D 51 -16.39 -8.85 18.79
C GLY D 51 -16.26 -7.91 17.63
N PRO D 52 -16.85 -8.26 16.46
CA PRO D 52 -16.84 -7.49 15.20
C PRO D 52 -18.11 -6.65 14.99
N VAL D 53 -18.02 -5.56 14.24
CA VAL D 53 -19.19 -4.70 13.96
C VAL D 53 -19.73 -5.07 12.60
N PHE D 54 -21.04 -5.25 12.48
CA PHE D 54 -21.60 -5.64 11.19
C PHE D 54 -21.82 -4.48 10.25
N ALA D 55 -22.21 -4.79 9.00
CA ALA D 55 -22.44 -3.77 8.01
C ALA D 55 -23.83 -3.21 8.28
N PRO D 56 -24.04 -1.86 8.14
CA PRO D 56 -25.35 -1.21 8.36
C PRO D 56 -26.42 -1.88 7.50
N PRO D 57 -27.51 -2.39 8.09
CA PRO D 57 -28.58 -3.07 7.34
C PRO D 57 -29.08 -2.26 6.15
N TYR D 58 -29.50 -2.97 5.10
CA TYR D 58 -29.95 -2.32 3.88
C TYR D 58 -31.22 -1.52 4.03
N GLU D 59 -31.10 -0.24 3.66
CA GLU D 59 -32.20 0.74 3.71
C GLU D 59 -32.83 0.95 2.33
N PRO D 60 -34.01 0.32 2.04
CA PRO D 60 -34.70 0.41 0.75
C PRO D 60 -34.94 1.75 0.11
N LEU D 61 -35.38 1.70 -1.14
CA LEU D 61 -35.61 2.90 -1.92
C LEU D 61 -36.99 3.51 -1.73
N PRO D 62 -37.07 4.87 -1.60
CA PRO D 62 -38.37 5.53 -1.42
C PRO D 62 -39.17 5.62 -2.72
N GLU D 63 -40.44 5.19 -2.67
CA GLU D 63 -41.41 5.19 -3.77
C GLU D 63 -41.07 5.89 -5.10
N ASN D 64 -40.66 7.14 -4.98
CA ASN D 64 -40.33 7.99 -6.11
C ASN D 64 -39.04 7.66 -6.88
N VAL D 65 -38.26 6.68 -6.41
CA VAL D 65 -37.03 6.26 -7.08
C VAL D 65 -37.34 4.88 -7.64
N LYS D 66 -38.04 4.92 -8.76
CA LYS D 66 -38.55 3.74 -9.45
C LYS D 66 -37.51 3.01 -10.31
N PHE D 67 -37.72 1.71 -10.54
CA PHE D 67 -36.78 0.92 -11.37
C PHE D 67 -37.52 0.39 -12.58
N TYR D 68 -36.96 0.61 -13.76
CA TYR D 68 -37.62 0.17 -14.98
C TYR D 68 -37.04 -1.01 -15.73
N TYR D 69 -37.87 -2.00 -16.02
CA TYR D 69 -37.43 -3.15 -16.81
C TYR D 69 -38.31 -3.17 -18.07
N ASP D 70 -37.64 -3.20 -19.23
CA ASP D 70 -38.29 -3.23 -20.54
C ASP D 70 -39.10 -1.93 -20.69
N GLY D 71 -38.73 -0.87 -19.96
CA GLY D 71 -39.44 0.40 -20.04
C GLY D 71 -40.68 0.51 -19.17
N LYS D 72 -41.11 -0.63 -18.61
CA LYS D 72 -42.28 -0.74 -17.73
C LYS D 72 -41.82 -0.73 -16.25
N VAL D 73 -42.48 0.07 -15.42
CA VAL D 73 -42.19 0.23 -13.97
C VAL D 73 -42.23 -1.03 -13.11
N MET D 74 -41.05 -1.43 -12.63
CA MET D 74 -40.92 -2.62 -11.79
C MET D 74 -40.38 -2.34 -10.39
N LYS D 75 -41.05 -2.88 -9.39
CA LYS D 75 -40.63 -2.71 -8.00
C LYS D 75 -40.06 -4.08 -7.52
N LEU D 76 -38.81 -4.03 -7.07
CA LEU D 76 -38.06 -5.20 -6.62
C LEU D 76 -38.03 -5.56 -5.15
N SER D 77 -37.96 -6.87 -4.88
CA SER D 77 -37.90 -7.44 -3.53
C SER D 77 -36.59 -6.93 -2.88
N PRO D 78 -36.58 -6.68 -1.55
CA PRO D 78 -35.39 -6.18 -0.84
C PRO D 78 -34.06 -6.84 -1.15
N LYS D 79 -34.09 -8.16 -1.39
CA LYS D 79 -32.91 -8.97 -1.68
C LYS D 79 -32.30 -8.49 -2.99
N ALA D 80 -33.12 -8.51 -4.04
CA ALA D 80 -32.72 -8.08 -5.38
C ALA D 80 -32.47 -6.60 -5.57
N GLU D 81 -33.31 -5.76 -5.00
CA GLU D 81 -33.15 -4.31 -5.09
C GLU D 81 -31.79 -3.90 -4.52
N GLU D 82 -31.39 -4.56 -3.42
CA GLU D 82 -30.09 -4.31 -2.75
C GLU D 82 -28.98 -4.56 -3.76
N VAL D 83 -29.11 -5.67 -4.45
CA VAL D 83 -28.15 -6.06 -5.46
C VAL D 83 -28.20 -5.11 -6.66
N ALA D 84 -29.34 -4.46 -6.89
CA ALA D 84 -29.43 -3.52 -8.01
C ALA D 84 -28.73 -2.18 -7.70
N THR D 85 -28.80 -1.76 -6.45
CA THR D 85 -28.17 -0.49 -6.09
C THR D 85 -26.67 -0.59 -6.28
N PHE D 86 -26.12 -1.75 -5.92
CA PHE D 86 -24.67 -2.00 -6.01
C PHE D 86 -24.16 -1.74 -7.40
N PHE D 87 -25.01 -2.06 -8.36
CA PHE D 87 -24.69 -1.83 -9.76
C PHE D 87 -24.98 -0.36 -10.11
N ALA D 88 -26.10 0.17 -9.62
CA ALA D 88 -26.46 1.54 -9.94
C ALA D 88 -25.42 2.56 -9.52
N LYS D 89 -24.75 2.27 -8.40
CA LYS D 89 -23.74 3.12 -7.86
C LYS D 89 -22.48 3.09 -8.70
N MET D 90 -22.15 1.95 -9.28
CA MET D 90 -20.94 1.85 -10.10
C MET D 90 -21.10 2.23 -11.58
N LEU D 91 -22.29 2.68 -11.95
CA LEU D 91 -22.62 3.00 -13.34
C LEU D 91 -21.68 4.00 -13.98
N ASP D 92 -21.19 4.91 -13.15
CA ASP D 92 -20.26 5.97 -13.56
C ASP D 92 -18.97 5.44 -14.19
N HIS D 93 -18.53 4.27 -13.71
CA HIS D 93 -17.30 3.59 -14.14
C HIS D 93 -17.37 2.91 -15.54
N GLU D 94 -16.24 2.90 -16.27
CA GLU D 94 -16.19 2.27 -17.60
C GLU D 94 -16.31 0.73 -17.48
N TYR D 95 -15.92 0.15 -16.34
CA TYR D 95 -16.00 -1.30 -16.17
C TYR D 95 -17.36 -1.97 -16.20
N THR D 96 -18.41 -1.24 -15.89
CA THR D 96 -19.76 -1.79 -15.91
C THR D 96 -20.27 -2.16 -17.34
N THR D 97 -19.39 -2.03 -18.35
CA THR D 97 -19.73 -2.45 -19.72
C THR D 97 -18.91 -3.67 -20.11
N LYS D 98 -17.91 -4.03 -19.31
CA LYS D 98 -17.07 -5.20 -19.56
C LYS D 98 -17.93 -6.45 -19.49
N GLU D 99 -17.73 -7.37 -20.44
CA GLU D 99 -18.46 -8.65 -20.54
C GLU D 99 -18.40 -9.46 -19.27
N ILE D 100 -17.19 -9.82 -18.87
CA ILE D 100 -16.95 -10.61 -17.65
C ILE D 100 -17.76 -10.00 -16.50
N PHE D 101 -17.70 -8.67 -16.39
CA PHE D 101 -18.36 -7.95 -15.32
C PHE D 101 -19.85 -8.04 -15.40
N ARG D 102 -20.41 -7.93 -16.59
CA ARG D 102 -21.85 -8.01 -16.73
C ARG D 102 -22.35 -9.43 -16.64
N LYS D 103 -21.49 -10.38 -17.05
CA LYS D 103 -21.78 -11.83 -17.02
C LYS D 103 -21.93 -12.25 -15.60
N ASN D 104 -20.86 -12.06 -14.83
CA ASN D 104 -20.82 -12.44 -13.45
C ASN D 104 -21.91 -11.82 -12.63
N PHE D 105 -21.96 -10.48 -12.62
CA PHE D 105 -22.94 -9.71 -11.85
C PHE D 105 -24.35 -10.23 -12.01
N PHE D 106 -24.78 -10.30 -13.27
CA PHE D 106 -26.09 -10.75 -13.61
C PHE D 106 -26.40 -12.17 -13.12
N LYS D 107 -25.42 -13.08 -13.23
CA LYS D 107 -25.54 -14.46 -12.79
C LYS D 107 -25.83 -14.48 -11.31
N ASP D 108 -25.15 -13.59 -10.59
CA ASP D 108 -25.26 -13.43 -9.15
C ASP D 108 -26.48 -12.64 -8.71
N TRP D 109 -27.09 -11.92 -9.63
CA TRP D 109 -28.27 -11.15 -9.30
C TRP D 109 -29.48 -12.06 -9.39
N ARG D 110 -29.53 -12.90 -10.44
CA ARG D 110 -30.60 -13.88 -10.73
C ARG D 110 -30.82 -14.71 -9.48
N LYS D 111 -29.70 -15.12 -8.91
CA LYS D 111 -29.67 -15.88 -7.70
C LYS D 111 -30.38 -15.15 -6.57
N GLU D 112 -30.14 -13.84 -6.39
CA GLU D 112 -30.79 -13.12 -5.29
C GLU D 112 -32.20 -12.64 -5.56
N MET D 113 -32.78 -13.17 -6.65
CA MET D 113 -34.15 -12.84 -7.10
C MET D 113 -35.19 -13.92 -6.82
N THR D 114 -36.43 -13.44 -6.64
CA THR D 114 -37.61 -14.28 -6.40
C THR D 114 -38.03 -14.91 -7.74
N ASN D 115 -39.20 -15.54 -7.78
CA ASN D 115 -39.64 -16.17 -9.03
C ASN D 115 -40.47 -15.36 -10.00
N GLU D 116 -41.16 -14.31 -9.53
CA GLU D 116 -41.93 -13.41 -10.43
C GLU D 116 -40.84 -12.66 -11.18
N GLU D 117 -39.74 -12.41 -10.46
CA GLU D 117 -38.55 -11.72 -10.95
C GLU D 117 -37.63 -12.53 -11.88
N LYS D 118 -37.31 -13.78 -11.51
CA LYS D 118 -36.47 -14.64 -12.35
C LYS D 118 -37.21 -14.97 -13.66
N ASN D 119 -38.52 -14.67 -13.68
CA ASN D 119 -39.40 -14.87 -14.83
C ASN D 119 -39.32 -13.66 -15.76
N ILE D 120 -39.51 -12.47 -15.18
CA ILE D 120 -39.49 -11.21 -15.92
C ILE D 120 -38.09 -10.73 -16.35
N ILE D 121 -37.15 -10.60 -15.41
CA ILE D 121 -35.81 -10.11 -15.74
C ILE D 121 -34.88 -11.15 -16.34
N THR D 122 -34.94 -11.26 -17.68
CA THR D 122 -34.15 -12.24 -18.44
C THR D 122 -32.67 -11.94 -18.70
N ASN D 123 -32.36 -10.70 -19.08
CA ASN D 123 -31.00 -10.19 -19.36
C ASN D 123 -30.76 -8.94 -18.47
N LEU D 124 -29.54 -8.40 -18.46
CA LEU D 124 -29.23 -7.19 -17.66
C LEU D 124 -29.49 -5.96 -18.46
N SER D 125 -29.10 -6.10 -19.71
CA SER D 125 -29.16 -5.07 -20.73
C SER D 125 -30.52 -4.39 -20.97
N LYS D 126 -31.60 -4.92 -20.38
CA LYS D 126 -32.93 -4.36 -20.56
C LYS D 126 -33.46 -3.71 -19.26
N CYS D 127 -32.61 -3.59 -18.26
CA CYS D 127 -33.01 -2.99 -16.99
C CYS D 127 -32.53 -1.56 -16.96
N ASP D 128 -33.24 -0.69 -16.29
CA ASP D 128 -32.88 0.72 -16.28
C ASP D 128 -32.56 1.25 -14.89
N PHE D 129 -31.27 1.32 -14.58
CA PHE D 129 -30.83 1.77 -13.28
C PHE D 129 -30.68 3.26 -13.10
N THR D 130 -30.71 3.99 -14.21
CA THR D 130 -30.53 5.45 -14.25
C THR D 130 -31.22 6.30 -13.19
N GLN D 131 -32.39 5.86 -12.76
CA GLN D 131 -33.14 6.59 -11.74
C GLN D 131 -32.53 6.39 -10.35
N MET D 132 -32.13 5.14 -10.08
CA MET D 132 -31.51 4.73 -8.82
C MET D 132 -30.18 5.44 -8.76
N SER D 133 -29.44 5.36 -9.86
CA SER D 133 -28.13 5.97 -10.01
C SER D 133 -28.09 7.47 -9.72
N GLN D 134 -29.14 8.17 -10.15
CA GLN D 134 -29.25 9.63 -9.97
C GLN D 134 -29.62 10.01 -8.57
N TYR D 135 -30.38 9.14 -7.92
CA TYR D 135 -30.78 9.36 -6.53
C TYR D 135 -29.52 9.26 -5.67
N PHE D 136 -28.60 8.37 -6.02
CA PHE D 136 -27.38 8.21 -5.26
C PHE D 136 -26.37 9.30 -5.46
N LYS D 137 -26.37 9.91 -6.64
CA LYS D 137 -25.45 11.01 -6.91
C LYS D 137 -25.99 12.27 -6.19
N ALA D 138 -27.30 12.25 -5.92
CA ALA D 138 -28.01 13.33 -5.21
C ALA D 138 -27.69 13.23 -3.72
N GLN D 139 -27.95 12.07 -3.11
CA GLN D 139 -27.69 11.78 -1.69
C GLN D 139 -26.29 12.13 -1.28
N THR D 140 -25.33 11.87 -2.17
CA THR D 140 -23.94 12.17 -1.91
C THR D 140 -23.73 13.68 -1.97
N GLU D 141 -24.29 14.37 -2.99
CA GLU D 141 -24.11 15.84 -3.06
C GLU D 141 -24.90 16.51 -1.96
N ALA D 142 -26.00 15.89 -1.56
CA ALA D 142 -26.83 16.43 -0.50
C ALA D 142 -26.43 15.79 0.82
N ARG D 143 -25.12 15.66 1.03
CA ARG D 143 -24.56 15.12 2.26
C ARG D 143 -23.51 16.14 2.61
N LYS D 144 -22.77 16.58 1.60
CA LYS D 144 -21.74 17.59 1.80
C LYS D 144 -22.36 18.98 1.99
N GLN D 145 -23.68 19.00 2.23
CA GLN D 145 -24.48 20.21 2.45
C GLN D 145 -25.14 20.36 3.82
N MET D 146 -24.99 19.37 4.71
CA MET D 146 -25.56 19.47 6.06
C MET D 146 -24.60 20.39 6.85
N SER D 147 -25.13 21.12 7.82
CA SER D 147 -24.31 22.01 8.66
C SER D 147 -23.98 21.28 9.96
N LYS D 148 -23.18 21.93 10.81
CA LYS D 148 -22.74 21.41 12.11
C LYS D 148 -23.86 20.86 13.01
N GLU D 149 -25.11 21.13 12.62
CA GLU D 149 -26.34 20.70 13.30
C GLU D 149 -26.50 19.18 13.14
N GLU D 150 -26.23 18.67 11.94
CA GLU D 150 -26.35 17.24 11.69
C GLU D 150 -25.01 16.50 11.52
N LYS D 151 -24.01 17.22 11.00
CA LYS D 151 -22.65 16.71 10.70
C LYS D 151 -21.87 16.22 11.93
N LEU D 152 -21.96 17.00 12.99
CA LEU D 152 -21.27 16.69 14.24
C LEU D 152 -21.93 15.53 14.96
N LYS D 153 -23.24 15.40 14.78
CA LYS D 153 -24.01 14.34 15.43
C LYS D 153 -23.61 12.93 14.91
N ILE D 154 -22.96 12.84 13.75
CA ILE D 154 -22.51 11.55 13.20
C ILE D 154 -21.14 11.27 13.76
N LYS D 155 -20.23 12.24 13.63
CA LYS D 155 -18.85 12.16 14.10
C LYS D 155 -18.77 11.90 15.61
N GLU D 156 -19.89 12.10 16.31
CA GLU D 156 -20.02 11.88 17.74
C GLU D 156 -20.46 10.42 17.97
N GLU D 157 -21.49 9.97 17.24
CA GLU D 157 -22.02 8.59 17.36
C GLU D 157 -20.99 7.56 16.96
N ASN D 158 -20.07 7.98 16.10
CA ASN D 158 -18.99 7.15 15.60
C ASN D 158 -17.93 6.96 16.63
N GLU D 159 -17.84 7.91 17.55
CA GLU D 159 -16.87 7.83 18.61
C GLU D 159 -17.33 6.92 19.74
N LYS D 160 -18.63 6.63 19.80
CA LYS D 160 -19.15 5.72 20.85
C LYS D 160 -18.82 4.29 20.42
N LEU D 161 -18.64 4.15 19.10
CA LEU D 161 -18.34 2.91 18.42
C LEU D 161 -16.86 2.56 18.51
N LEU D 162 -15.98 3.44 18.02
CA LEU D 162 -14.53 3.20 18.06
C LEU D 162 -14.01 2.84 19.45
N LYS D 163 -14.74 3.28 20.47
CA LYS D 163 -14.39 3.00 21.83
C LYS D 163 -14.90 1.65 22.24
N GLU D 164 -16.17 1.35 22.05
CA GLU D 164 -16.69 0.04 22.46
C GLU D 164 -16.18 -1.20 21.71
N TYR D 165 -16.04 -1.07 20.38
CA TYR D 165 -15.58 -2.19 19.55
C TYR D 165 -14.16 -2.15 19.01
N GLY D 166 -13.53 -0.97 18.99
CA GLY D 166 -12.19 -0.79 18.47
C GLY D 166 -10.92 -1.10 19.26
N PHE D 167 -11.07 -1.50 20.51
CA PHE D 167 -9.94 -1.82 21.38
C PHE D 167 -10.26 -3.13 21.93
N CYS D 168 -9.25 -3.95 22.06
CA CYS D 168 -9.41 -5.26 22.63
C CYS D 168 -8.35 -5.38 23.70
N ILE D 169 -8.49 -6.34 24.61
CA ILE D 169 -7.49 -6.52 25.67
C ILE D 169 -6.70 -7.75 25.32
N MET D 170 -5.40 -7.59 25.18
CA MET D 170 -4.56 -8.70 24.89
C MET D 170 -3.41 -8.68 25.88
N ASP D 171 -3.46 -9.61 26.82
CA ASP D 171 -2.42 -9.79 27.85
C ASP D 171 -2.01 -8.57 28.65
N ASN D 172 -2.83 -8.15 29.61
CA ASN D 172 -2.45 -7.02 30.48
C ASN D 172 -2.56 -5.61 29.87
N HIS D 173 -2.92 -5.52 28.59
CA HIS D 173 -3.04 -4.24 27.88
C HIS D 173 -4.18 -4.00 26.85
N LYS D 174 -4.74 -2.79 26.87
CA LYS D 174 -5.82 -2.31 25.97
C LYS D 174 -5.10 -1.88 24.69
N GLU D 175 -5.12 -2.74 23.66
CA GLU D 175 -4.49 -2.46 22.35
C GLU D 175 -5.53 -2.21 21.25
N ARG D 176 -5.23 -1.40 20.23
CA ARG D 176 -6.21 -1.07 19.20
C ARG D 176 -6.41 -2.10 18.10
N ILE D 177 -7.65 -2.23 17.61
CA ILE D 177 -7.96 -3.16 16.51
C ILE D 177 -7.94 -2.39 15.18
N ALA D 178 -7.37 -3.02 14.15
CA ALA D 178 -7.25 -2.48 12.79
C ALA D 178 -8.55 -1.96 12.12
N ASN D 179 -9.39 -2.88 11.62
CA ASN D 179 -10.67 -2.52 10.97
C ASN D 179 -11.73 -3.53 11.33
N PHE D 180 -12.24 -3.32 12.53
CA PHE D 180 -13.27 -4.10 13.21
C PHE D 180 -14.61 -4.04 12.53
N LYS D 181 -14.73 -3.06 11.64
CA LYS D 181 -15.93 -2.86 10.83
C LYS D 181 -15.83 -3.83 9.65
N ILE D 182 -16.69 -4.86 9.65
CA ILE D 182 -16.76 -5.89 8.58
C ILE D 182 -17.18 -5.27 7.24
N GLU D 183 -16.55 -5.74 6.15
CA GLU D 183 -16.84 -5.19 4.82
C GLU D 183 -18.28 -5.41 4.33
N PRO D 184 -18.92 -4.32 3.89
CA PRO D 184 -20.29 -4.37 3.38
C PRO D 184 -20.48 -5.08 2.02
N PRO D 185 -21.66 -5.61 1.79
CA PRO D 185 -21.85 -6.28 0.52
C PRO D 185 -21.89 -5.29 -0.63
N GLY D 186 -21.21 -5.66 -1.70
CA GLY D 186 -21.13 -4.87 -2.89
C GLY D 186 -20.68 -5.87 -3.94
N LEU D 187 -20.14 -5.35 -5.03
CA LEU D 187 -19.69 -6.23 -6.09
C LEU D 187 -18.21 -6.11 -6.10
N PHE D 188 -17.56 -7.21 -6.41
CA PHE D 188 -16.12 -7.31 -6.45
C PHE D 188 -15.66 -6.75 -7.77
N ARG D 189 -14.51 -6.14 -7.76
CA ARG D 189 -13.97 -5.60 -8.97
C ARG D 189 -12.54 -6.04 -9.01
N GLY D 190 -11.83 -5.90 -7.89
CA GLY D 190 -10.46 -6.34 -7.83
C GLY D 190 -9.53 -5.65 -8.76
N ARG D 191 -8.23 -5.79 -8.55
CA ARG D 191 -7.32 -5.11 -9.45
C ARG D 191 -7.03 -5.89 -10.71
N GLY D 192 -6.98 -5.15 -11.81
CA GLY D 192 -6.69 -5.71 -13.12
C GLY D 192 -7.83 -6.43 -13.79
N ASN D 193 -7.45 -7.37 -14.65
CA ASN D 193 -8.37 -8.19 -15.43
C ASN D 193 -8.98 -9.34 -14.65
N HIS D 194 -9.52 -9.06 -13.47
CA HIS D 194 -10.06 -10.14 -12.66
C HIS D 194 -11.23 -10.90 -13.24
N PRO D 195 -11.10 -12.24 -13.39
CA PRO D 195 -12.11 -13.16 -13.91
C PRO D 195 -13.38 -13.15 -13.10
N LYS D 196 -13.27 -12.75 -11.84
CA LYS D 196 -14.44 -12.74 -10.99
C LYS D 196 -15.09 -11.37 -10.85
N MET D 197 -14.58 -10.37 -11.57
CA MET D 197 -15.17 -9.01 -11.47
C MET D 197 -16.67 -8.96 -11.69
N GLY D 198 -17.43 -8.43 -10.76
CA GLY D 198 -18.87 -8.39 -10.98
C GLY D 198 -19.62 -9.25 -10.01
N MET D 199 -19.00 -10.34 -9.55
CA MET D 199 -19.66 -11.25 -8.62
C MET D 199 -19.98 -10.55 -7.33
N LEU D 200 -21.16 -10.82 -6.79
CA LEU D 200 -21.64 -10.24 -5.52
C LEU D 200 -20.89 -10.74 -4.32
N LYS D 201 -20.55 -9.81 -3.40
CA LYS D 201 -19.85 -10.11 -2.14
C LYS D 201 -21.01 -10.15 -1.18
N ARG D 202 -21.30 -11.37 -0.75
CA ARG D 202 -22.42 -11.69 0.11
C ARG D 202 -22.30 -10.94 1.39
N ARG D 203 -23.44 -10.55 1.99
CA ARG D 203 -23.41 -9.88 3.29
C ARG D 203 -22.99 -10.92 4.31
N ILE D 204 -22.03 -10.55 5.17
CA ILE D 204 -21.50 -11.45 6.18
C ILE D 204 -22.37 -11.50 7.43
N MET D 205 -23.00 -12.65 7.69
CA MET D 205 -23.88 -12.88 8.83
C MET D 205 -23.03 -13.42 9.98
N PRO D 206 -23.52 -13.36 11.26
CA PRO D 206 -22.76 -13.89 12.41
C PRO D 206 -22.52 -15.38 12.29
N GLU D 207 -23.32 -16.07 11.47
CA GLU D 207 -23.17 -17.52 11.24
C GLU D 207 -22.00 -17.82 10.27
N ASP D 208 -21.15 -16.82 10.03
CA ASP D 208 -20.01 -16.96 9.15
C ASP D 208 -18.77 -16.66 9.93
N ILE D 209 -18.97 -16.02 11.07
CA ILE D 209 -17.89 -15.55 11.95
C ILE D 209 -17.37 -16.49 13.03
N ILE D 210 -16.08 -16.75 13.00
CA ILE D 210 -15.44 -17.54 14.04
C ILE D 210 -14.80 -16.52 14.99
N ILE D 211 -15.12 -16.58 16.29
CA ILE D 211 -14.51 -15.66 17.27
C ILE D 211 -13.37 -16.43 17.90
N ASN D 212 -12.26 -15.75 18.20
CA ASN D 212 -11.08 -16.33 18.81
C ASN D 212 -10.76 -15.50 20.02
N CYS D 213 -10.89 -16.06 21.20
CA CYS D 213 -10.61 -15.35 22.46
C CYS D 213 -10.10 -16.37 23.49
N SER D 214 -9.76 -15.93 24.70
CA SER D 214 -9.26 -16.87 25.68
C SER D 214 -10.37 -17.48 26.53
N LYS D 215 -10.05 -18.65 27.07
CA LYS D 215 -11.00 -19.40 27.87
C LYS D 215 -11.48 -18.62 29.09
N ASP D 216 -10.63 -17.73 29.58
CA ASP D 216 -10.97 -16.93 30.75
C ASP D 216 -11.55 -15.58 30.40
N ALA D 217 -11.72 -15.35 29.10
CA ALA D 217 -12.27 -14.07 28.65
C ALA D 217 -13.77 -14.06 28.47
N LYS D 218 -14.39 -12.91 28.73
CA LYS D 218 -15.83 -12.75 28.60
C LYS D 218 -16.11 -12.85 27.11
N VAL D 219 -16.60 -14.02 26.69
CA VAL D 219 -16.91 -14.32 25.27
C VAL D 219 -17.96 -13.33 24.77
N PRO D 220 -17.71 -12.65 23.66
CA PRO D 220 -18.69 -11.69 23.12
C PRO D 220 -20.04 -12.24 22.76
N SER D 221 -21.04 -11.38 22.96
CA SER D 221 -22.41 -11.72 22.68
C SER D 221 -22.80 -11.43 21.23
N PRO D 222 -23.33 -12.44 20.51
CA PRO D 222 -23.76 -12.31 19.12
C PRO D 222 -25.00 -11.45 19.03
N PRO D 223 -25.28 -10.84 17.87
CA PRO D 223 -26.48 -10.02 17.75
C PRO D 223 -27.65 -10.95 18.03
N PRO D 224 -28.71 -10.44 18.71
CA PRO D 224 -29.87 -11.28 19.05
C PRO D 224 -30.55 -12.04 17.90
N GLY D 225 -30.61 -13.35 18.07
CA GLY D 225 -31.22 -14.21 17.06
C GLY D 225 -30.20 -14.86 16.16
N HIS D 226 -28.93 -14.83 16.56
CA HIS D 226 -27.87 -15.44 15.77
C HIS D 226 -26.82 -16.04 16.64
N LYS D 227 -26.03 -16.90 16.04
CA LYS D 227 -24.93 -17.54 16.71
C LYS D 227 -23.69 -17.32 15.88
N TRP D 228 -22.53 -17.40 16.50
CA TRP D 228 -21.32 -17.25 15.74
C TRP D 228 -21.04 -18.65 15.22
N LYS D 229 -20.24 -18.76 14.16
CA LYS D 229 -19.92 -20.06 13.55
C LYS D 229 -19.09 -20.95 14.45
N GLU D 230 -18.29 -20.33 15.31
CA GLU D 230 -17.38 -21.03 16.24
C GLU D 230 -16.78 -20.02 17.23
N VAL D 231 -16.47 -20.50 18.44
CA VAL D 231 -15.86 -19.67 19.46
C VAL D 231 -14.66 -20.54 19.81
N ARG D 232 -13.51 -20.13 19.27
CA ARG D 232 -12.30 -20.89 19.47
C ARG D 232 -11.31 -20.16 20.29
N HIS D 233 -10.43 -20.92 20.91
CA HIS D 233 -9.46 -20.34 21.80
C HIS D 233 -8.03 -20.46 21.37
N ASP D 234 -7.83 -20.72 20.08
CA ASP D 234 -6.50 -20.89 19.48
C ASP D 234 -5.55 -19.74 19.80
N ASN D 235 -4.77 -19.94 20.86
CA ASN D 235 -3.79 -18.98 21.36
C ASN D 235 -2.48 -18.89 20.56
N LYS D 236 -2.36 -19.70 19.51
CA LYS D 236 -1.19 -19.68 18.65
C LYS D 236 -1.41 -18.69 17.47
N VAL D 237 -2.58 -18.07 17.40
CA VAL D 237 -2.85 -17.12 16.33
C VAL D 237 -3.07 -15.72 16.86
N THR D 238 -2.90 -14.72 15.99
CA THR D 238 -3.02 -13.32 16.40
C THR D 238 -4.33 -12.68 16.03
N TRP D 239 -5.21 -13.43 15.34
CA TRP D 239 -6.51 -12.92 14.89
C TRP D 239 -7.63 -13.00 15.90
N LEU D 240 -8.50 -11.99 15.85
CA LEU D 240 -9.62 -11.90 16.78
C LEU D 240 -10.91 -12.42 16.23
N VAL D 241 -11.09 -12.29 14.93
CA VAL D 241 -12.30 -12.75 14.26
C VAL D 241 -11.88 -13.21 12.87
N SER D 242 -12.51 -14.24 12.34
CA SER D 242 -12.21 -14.68 10.98
C SER D 242 -13.45 -15.27 10.37
N TRP D 243 -13.63 -15.05 9.07
CA TRP D 243 -14.75 -15.61 8.29
C TRP D 243 -14.20 -15.96 6.94
N THR D 244 -14.96 -16.72 6.18
CA THR D 244 -14.49 -17.09 4.86
C THR D 244 -15.25 -16.20 3.94
N GLU D 245 -14.53 -15.35 3.19
CA GLU D 245 -15.22 -14.47 2.21
C GLU D 245 -15.49 -15.38 1.02
N ASN D 246 -16.38 -15.00 0.11
CA ASN D 246 -16.73 -15.88 -1.00
C ASN D 246 -16.42 -15.49 -2.48
N ILE D 247 -15.40 -14.71 -2.77
CA ILE D 247 -15.14 -14.37 -4.17
C ILE D 247 -14.09 -15.34 -4.60
N GLN D 248 -13.09 -15.54 -3.75
CA GLN D 248 -12.01 -16.51 -3.99
C GLN D 248 -11.90 -17.54 -2.85
N GLY D 249 -12.89 -17.58 -1.96
CA GLY D 249 -12.90 -18.50 -0.85
C GLY D 249 -11.75 -18.35 0.15
N SER D 250 -11.08 -17.19 0.18
CA SER D 250 -9.95 -16.95 1.11
C SER D 250 -10.45 -16.54 2.49
N ILE D 251 -9.64 -16.79 3.52
CA ILE D 251 -10.05 -16.50 4.89
C ILE D 251 -9.62 -15.11 5.28
N LYS D 252 -10.60 -14.21 5.45
CA LYS D 252 -10.37 -12.80 5.87
C LYS D 252 -10.33 -12.74 7.40
N TYR D 253 -9.68 -11.70 7.97
CA TYR D 253 -9.50 -11.51 9.43
C TYR D 253 -9.65 -10.12 10.00
N ILE D 254 -9.75 -10.02 11.34
CA ILE D 254 -9.79 -8.75 12.06
C ILE D 254 -8.65 -8.87 13.04
N MET D 255 -7.56 -8.22 12.67
CA MET D 255 -6.36 -8.26 13.48
C MET D 255 -6.09 -6.94 14.16
N LEU D 256 -5.06 -6.92 14.99
CA LEU D 256 -4.66 -5.72 15.72
C LEU D 256 -3.97 -4.57 14.92
N ASN D 257 -4.03 -3.36 15.50
CA ASN D 257 -3.42 -2.15 14.95
C ASN D 257 -1.92 -2.33 14.83
N PRO D 258 -1.32 -1.73 13.81
CA PRO D 258 0.12 -1.91 13.69
C PRO D 258 0.94 -1.33 14.81
N SER D 259 0.24 -0.62 15.69
CA SER D 259 0.81 0.05 16.85
C SER D 259 0.89 -0.84 18.04
N SER D 260 0.33 -2.02 17.89
CA SER D 260 0.31 -3.07 18.90
C SER D 260 1.61 -3.86 19.03
N ARG D 261 1.69 -4.72 20.05
CA ARG D 261 2.85 -5.54 20.30
C ARG D 261 2.90 -6.69 19.31
N ILE D 262 1.75 -7.28 19.05
CA ILE D 262 1.65 -8.43 18.18
C ILE D 262 1.92 -8.21 16.70
N LYS D 263 2.00 -6.93 16.34
CA LYS D 263 2.29 -6.53 14.98
C LYS D 263 3.66 -5.91 14.92
N GLY D 264 4.10 -5.37 16.03
CA GLY D 264 5.40 -4.73 16.05
C GLY D 264 6.58 -5.67 16.22
N GLU D 265 6.56 -6.49 17.27
CA GLU D 265 7.59 -7.50 17.57
C GLU D 265 7.91 -8.14 16.24
N LYS D 266 6.82 -8.37 15.50
CA LYS D 266 6.88 -9.01 14.21
C LYS D 266 7.56 -8.19 13.16
N ASP D 267 7.18 -6.92 13.03
CA ASP D 267 7.74 -6.02 12.00
C ASP D 267 9.22 -5.83 12.29
N TRP D 268 9.55 -5.67 13.57
CA TRP D 268 10.91 -5.51 14.06
C TRP D 268 11.69 -6.77 13.73
N GLN D 269 11.12 -7.95 13.96
CA GLN D 269 11.81 -9.20 13.67
C GLN D 269 12.20 -9.24 12.19
N LYS D 270 11.27 -8.76 11.36
CA LYS D 270 11.44 -8.73 9.92
C LYS D 270 12.61 -7.84 9.50
N TYR D 271 12.80 -6.71 10.17
CA TYR D 271 13.91 -5.82 9.82
C TYR D 271 15.15 -6.33 10.42
N GLU D 272 15.04 -6.99 11.57
CA GLU D 272 16.20 -7.61 12.16
C GLU D 272 16.61 -8.81 11.25
N THR D 273 15.66 -9.45 10.57
CA THR D 273 16.00 -10.56 9.65
C THR D 273 16.53 -9.93 8.34
N ALA D 274 16.21 -8.67 8.12
CA ALA D 274 16.69 -8.04 6.92
C ALA D 274 18.15 -7.67 7.14
N ARG D 275 18.47 -7.38 8.40
CA ARG D 275 19.80 -7.00 8.81
C ARG D 275 20.75 -8.18 8.84
N ARG D 276 20.22 -9.34 9.21
CA ARG D 276 21.01 -10.55 9.27
C ARG D 276 21.40 -10.94 7.87
N LEU D 277 20.54 -10.73 6.89
CA LEU D 277 20.87 -11.05 5.51
C LEU D 277 22.06 -10.22 5.04
N LYS D 278 22.20 -9.01 5.58
CA LYS D 278 23.32 -8.14 5.24
C LYS D 278 24.70 -8.73 5.58
N LYS D 279 24.81 -9.34 6.76
CA LYS D 279 26.06 -9.92 7.28
C LYS D 279 26.73 -10.98 6.37
N CYS D 280 25.89 -11.65 5.58
CA CYS D 280 26.32 -12.67 4.64
C CYS D 280 25.60 -12.50 3.29
N VAL D 281 25.43 -11.26 2.84
CA VAL D 281 24.77 -11.03 1.54
C VAL D 281 25.77 -11.26 0.43
N ASP D 282 27.00 -10.76 0.64
CA ASP D 282 28.09 -10.90 -0.31
C ASP D 282 28.49 -12.35 -0.51
N LYS D 283 28.34 -13.15 0.56
CA LYS D 283 28.64 -14.59 0.59
C LYS D 283 27.68 -15.35 -0.33
N ILE D 284 26.41 -14.93 -0.34
CA ILE D 284 25.38 -15.57 -1.15
C ILE D 284 25.57 -15.13 -2.58
N ARG D 285 25.88 -13.85 -2.72
CA ARG D 285 26.13 -13.24 -4.02
C ARG D 285 27.45 -13.75 -4.61
N ASN D 286 28.10 -14.66 -3.89
CA ASN D 286 29.34 -15.26 -4.39
C ASN D 286 28.96 -16.64 -4.83
N GLN D 287 28.17 -17.32 -4.00
CA GLN D 287 27.74 -18.68 -4.29
C GLN D 287 26.82 -18.76 -5.49
N TYR D 288 25.86 -17.84 -5.64
CA TYR D 288 24.99 -17.91 -6.81
C TYR D 288 25.73 -17.51 -8.08
N ARG D 289 26.76 -16.67 -7.92
CA ARG D 289 27.60 -16.19 -9.02
C ARG D 289 28.35 -17.40 -9.59
N GLU D 290 28.73 -18.33 -8.70
CA GLU D 290 29.43 -19.57 -9.05
C GLU D 290 28.41 -20.68 -9.42
N ASP D 291 27.18 -20.60 -8.90
CA ASP D 291 26.11 -21.58 -9.18
C ASP D 291 25.54 -21.41 -10.58
N TRP D 292 26.02 -20.40 -11.29
CA TRP D 292 25.60 -20.12 -12.67
C TRP D 292 26.40 -20.99 -13.63
N LYS D 293 27.07 -21.99 -13.06
CA LYS D 293 27.87 -22.95 -13.81
C LYS D 293 27.30 -24.36 -13.66
N SER D 294 27.11 -24.78 -12.41
CA SER D 294 26.60 -26.11 -12.01
C SER D 294 26.17 -27.18 -13.02
N LYS D 295 26.63 -28.42 -12.78
CA LYS D 295 26.38 -29.60 -13.63
C LYS D 295 24.87 -29.82 -13.84
N GLU D 296 24.10 -29.57 -12.77
CA GLU D 296 22.66 -29.73 -12.79
C GLU D 296 21.99 -28.45 -13.21
N MET D 297 21.10 -28.61 -14.18
CA MET D 297 20.32 -27.52 -14.77
C MET D 297 19.36 -26.86 -13.77
N LYS D 298 18.77 -27.67 -12.89
CA LYS D 298 17.80 -27.26 -11.87
C LYS D 298 18.37 -26.32 -10.80
N VAL D 299 19.69 -26.35 -10.63
CA VAL D 299 20.39 -25.49 -9.66
C VAL D 299 20.69 -24.19 -10.38
N ARG D 300 20.91 -24.28 -11.69
CA ARG D 300 21.19 -23.08 -12.47
C ARG D 300 20.00 -22.12 -12.48
N GLN D 301 18.79 -22.68 -12.49
CA GLN D 301 17.56 -21.89 -12.48
C GLN D 301 17.45 -21.18 -11.14
N ARG D 302 17.49 -21.96 -10.07
CA ARG D 302 17.41 -21.47 -8.69
C ARG D 302 18.42 -20.35 -8.34
N ALA D 303 19.47 -20.26 -9.16
CA ALA D 303 20.51 -19.24 -9.00
C ALA D 303 20.20 -17.98 -9.79
N VAL D 304 19.75 -18.16 -11.04
CA VAL D 304 19.39 -17.02 -11.90
C VAL D 304 18.24 -16.26 -11.26
N ALA D 305 17.26 -17.01 -10.77
CA ALA D 305 16.09 -16.45 -10.10
C ALA D 305 16.58 -15.60 -8.95
N LEU D 306 17.48 -16.16 -8.13
CA LEU D 306 18.04 -15.43 -7.00
C LEU D 306 18.69 -14.09 -7.34
N TYR D 307 19.23 -13.98 -8.54
CA TYR D 307 19.87 -12.77 -9.01
C TYR D 307 18.83 -11.68 -9.23
N PHE D 308 17.76 -12.03 -9.95
CA PHE D 308 16.63 -11.14 -10.28
C PHE D 308 16.04 -10.55 -9.02
N ILE D 309 15.75 -11.41 -8.03
CA ILE D 309 15.19 -10.98 -6.75
C ILE D 309 16.20 -10.03 -6.01
N ASP D 310 17.49 -10.32 -6.13
CA ASP D 310 18.50 -9.50 -5.47
C ASP D 310 18.77 -8.19 -6.15
N LYS D 311 19.20 -8.24 -7.41
CA LYS D 311 19.52 -6.99 -8.09
C LYS D 311 18.36 -6.24 -8.70
N LEU D 312 17.20 -6.88 -8.82
CA LEU D 312 16.03 -6.19 -9.40
C LEU D 312 14.78 -6.10 -8.50
N ALA D 313 14.91 -6.57 -7.25
CA ALA D 313 13.84 -6.59 -6.23
C ALA D 313 12.49 -7.13 -6.76
N LEU D 314 12.49 -8.41 -7.09
CA LEU D 314 11.31 -9.09 -7.61
C LEU D 314 10.62 -9.94 -6.57
N ARG D 315 9.29 -9.87 -6.59
CA ARG D 315 8.47 -10.67 -5.70
C ARG D 315 8.68 -12.09 -6.22
N ALA D 316 9.02 -13.06 -5.36
CA ALA D 316 9.22 -14.46 -5.82
C ALA D 316 7.84 -14.93 -6.13
N GLY D 317 7.53 -15.01 -7.40
CA GLY D 317 6.17 -15.35 -7.77
C GLY D 317 5.54 -16.67 -7.56
N ASN D 318 4.71 -16.78 -6.53
CA ASN D 318 4.00 -18.01 -6.25
C ASN D 318 3.03 -18.23 -7.38
N GLU D 319 2.77 -19.49 -7.69
CA GLU D 319 1.83 -19.84 -8.76
C GLU D 319 0.39 -19.68 -8.19
N LYS D 320 -0.59 -19.58 -9.07
CA LYS D 320 -1.98 -19.42 -8.64
C LYS D 320 -3.00 -20.06 -9.59
N GLU D 321 -4.15 -20.47 -9.03
CA GLU D 321 -5.22 -21.12 -9.79
C GLU D 321 -5.77 -20.28 -10.96
N GLU D 322 -5.54 -20.77 -12.17
CA GLU D 322 -5.99 -20.12 -13.42
C GLU D 322 -7.51 -20.06 -13.54
N GLY D 323 -8.02 -18.84 -13.69
CA GLY D 323 -9.45 -18.59 -13.81
C GLY D 323 -10.01 -18.13 -12.50
N GLU D 324 -9.16 -17.99 -11.49
CA GLU D 324 -9.65 -17.52 -10.20
C GLU D 324 -8.90 -16.27 -9.73
N THR D 325 -7.84 -15.91 -10.47
CA THR D 325 -7.06 -14.71 -10.18
C THR D 325 -6.77 -13.99 -11.49
N ALA D 326 -6.31 -12.74 -11.39
CA ALA D 326 -5.92 -11.97 -12.58
C ALA D 326 -4.55 -12.53 -12.97
N ASP D 327 -4.38 -12.82 -14.27
CA ASP D 327 -3.11 -13.38 -14.75
C ASP D 327 -2.05 -12.32 -14.60
N THR D 328 -1.18 -12.62 -13.65
CA THR D 328 -0.05 -11.79 -13.26
C THR D 328 0.89 -12.79 -12.65
N VAL D 329 2.17 -12.42 -12.63
CA VAL D 329 3.22 -13.28 -12.14
C VAL D 329 4.29 -12.50 -11.43
N GLY D 330 5.22 -13.24 -10.85
CA GLY D 330 6.39 -12.68 -10.18
C GLY D 330 7.57 -13.46 -10.77
N CYS D 331 8.70 -13.50 -10.05
CA CYS D 331 9.94 -14.16 -10.49
C CYS D 331 9.90 -15.64 -10.81
N CYS D 332 9.61 -16.48 -9.81
CA CYS D 332 9.54 -17.93 -9.98
C CYS D 332 8.46 -18.40 -10.93
N SER D 333 7.47 -17.55 -11.18
CA SER D 333 6.36 -17.88 -12.06
C SER D 333 6.48 -17.21 -13.38
N LEU D 334 7.64 -16.65 -13.66
CA LEU D 334 7.84 -15.96 -14.94
C LEU D 334 7.78 -16.81 -16.18
N ARG D 335 6.66 -16.75 -16.91
CA ARG D 335 6.45 -17.48 -18.17
C ARG D 335 7.47 -16.99 -19.23
N VAL D 336 7.68 -17.76 -20.30
CA VAL D 336 8.66 -17.37 -21.32
C VAL D 336 8.30 -16.12 -22.10
N GLU D 337 7.00 -15.91 -22.34
CA GLU D 337 6.54 -14.76 -23.11
C GLU D 337 6.78 -13.45 -22.40
N HIS D 338 7.05 -13.55 -21.11
CA HIS D 338 7.28 -12.38 -20.29
C HIS D 338 8.67 -11.77 -20.33
N ILE D 339 9.66 -12.54 -20.77
CA ILE D 339 11.00 -12.01 -20.91
C ILE D 339 11.48 -12.13 -22.36
N ASN D 340 12.18 -11.10 -22.84
CA ASN D 340 12.72 -11.11 -24.21
C ASN D 340 14.17 -10.69 -24.19
N LEU D 341 14.97 -11.40 -24.97
CA LEU D 341 16.41 -11.20 -25.03
C LEU D 341 16.83 -10.25 -26.14
N HIS D 342 17.93 -9.55 -25.91
CA HIS D 342 18.55 -8.63 -26.88
C HIS D 342 20.03 -8.65 -26.51
N PRO D 343 20.95 -8.95 -27.47
CA PRO D 343 22.39 -8.98 -27.16
C PRO D 343 23.06 -7.60 -26.96
N GLU D 344 22.68 -6.63 -27.78
CA GLU D 344 23.22 -5.29 -27.68
C GLU D 344 22.12 -4.33 -28.17
N LEU D 345 21.68 -3.45 -27.27
CA LEU D 345 20.63 -2.45 -27.55
C LEU D 345 20.97 -1.15 -26.81
N ASP D 346 20.65 0.00 -27.43
CA ASP D 346 20.90 1.37 -26.91
C ASP D 346 22.30 1.61 -26.25
N GLY D 347 23.30 0.86 -26.75
CA GLY D 347 24.67 0.97 -26.28
C GLY D 347 25.15 -0.01 -25.21
N GLN D 348 24.20 -0.68 -24.57
CA GLN D 348 24.42 -1.64 -23.47
C GLN D 348 24.78 -3.04 -24.00
N GLU D 349 25.57 -3.79 -23.24
CA GLU D 349 26.00 -5.15 -23.62
C GLU D 349 25.30 -6.28 -22.84
N TYR D 350 24.63 -7.20 -23.55
CA TYR D 350 23.89 -8.36 -22.99
C TYR D 350 22.66 -7.99 -22.13
N VAL D 351 21.61 -7.48 -22.79
CA VAL D 351 20.37 -7.02 -22.13
C VAL D 351 19.11 -7.90 -22.18
N VAL D 352 18.32 -7.83 -21.11
CA VAL D 352 17.07 -8.58 -21.04
C VAL D 352 15.96 -7.55 -21.03
N GLU D 353 15.02 -7.67 -21.97
CA GLU D 353 13.90 -6.73 -22.06
C GLU D 353 12.73 -7.31 -21.29
N PHE D 354 12.64 -6.92 -20.02
CA PHE D 354 11.59 -7.33 -19.08
C PHE D 354 10.24 -6.64 -19.31
N ASP D 355 9.17 -7.40 -19.50
CA ASP D 355 7.85 -6.83 -19.69
C ASP D 355 6.80 -7.79 -19.18
N PHE D 356 6.12 -7.44 -18.09
CA PHE D 356 5.03 -8.27 -17.51
C PHE D 356 4.20 -7.57 -16.45
N LEU D 357 3.05 -8.16 -16.14
CA LEU D 357 2.17 -7.61 -15.13
C LEU D 357 2.46 -8.27 -13.77
N GLY D 358 3.01 -7.50 -12.81
CA GLY D 358 3.34 -8.01 -11.48
C GLY D 358 2.21 -8.05 -10.48
N LYS D 359 2.49 -7.77 -9.21
CA LYS D 359 1.44 -7.74 -8.17
C LYS D 359 0.51 -6.56 -8.48
N ASP D 360 -0.78 -6.69 -8.12
CA ASP D 360 -1.83 -5.67 -8.34
C ASP D 360 -1.91 -5.21 -9.80
N SER D 361 -1.48 -6.11 -10.68
CA SER D 361 -1.43 -5.93 -12.12
C SER D 361 -0.58 -4.77 -12.62
N ILE D 362 0.30 -4.22 -11.78
CA ILE D 362 1.20 -3.09 -12.16
C ILE D 362 2.33 -3.64 -13.07
N ARG D 363 2.56 -2.97 -14.20
CA ARG D 363 3.57 -3.37 -15.17
C ARG D 363 5.02 -3.22 -14.70
N TYR D 364 5.89 -4.15 -15.13
CA TYR D 364 7.33 -4.09 -14.83
C TYR D 364 8.13 -4.11 -16.11
N TYR D 365 8.32 -2.93 -16.71
CA TYR D 365 9.09 -2.82 -17.92
C TYR D 365 10.47 -2.37 -17.52
N ASN D 366 11.48 -3.15 -17.90
CA ASN D 366 12.88 -2.80 -17.70
C ASN D 366 13.91 -3.51 -18.59
N LYS D 367 14.70 -2.66 -19.26
CA LYS D 367 15.79 -3.07 -20.15
C LYS D 367 16.96 -3.20 -19.16
N VAL D 368 17.35 -4.45 -18.83
CA VAL D 368 18.43 -4.68 -17.85
C VAL D 368 19.71 -5.44 -18.29
N PRO D 369 20.87 -4.78 -18.11
CA PRO D 369 22.18 -5.37 -18.47
C PRO D 369 22.67 -6.30 -17.36
N VAL D 370 22.77 -7.58 -17.71
CA VAL D 370 23.22 -8.61 -16.79
C VAL D 370 24.68 -8.96 -17.04
N GLU D 371 25.17 -10.02 -16.38
CA GLU D 371 26.54 -10.52 -16.56
C GLU D 371 26.50 -11.47 -17.75
N LYS D 372 27.67 -11.74 -18.35
CA LYS D 372 27.76 -12.60 -19.55
C LYS D 372 27.16 -13.99 -19.38
N ARG D 373 27.45 -14.63 -18.25
CA ARG D 373 26.97 -15.98 -17.91
C ARG D 373 25.43 -16.08 -17.88
N VAL D 374 24.79 -15.17 -17.14
CA VAL D 374 23.34 -15.08 -16.93
C VAL D 374 22.56 -15.01 -18.22
N PHE D 375 23.07 -14.20 -19.16
CA PHE D 375 22.43 -14.04 -20.44
C PHE D 375 22.51 -15.37 -21.19
N LYS D 376 23.69 -16.01 -21.16
CA LYS D 376 23.89 -17.30 -21.84
C LYS D 376 23.09 -18.42 -21.15
N ASN D 377 22.73 -18.15 -19.90
CA ASN D 377 21.95 -19.08 -19.06
C ASN D 377 20.45 -18.97 -19.29
N LEU D 378 19.97 -17.78 -19.69
CA LEU D 378 18.54 -17.57 -19.97
C LEU D 378 18.12 -18.18 -21.29
N GLN D 379 19.08 -18.19 -22.23
CA GLN D 379 18.90 -18.72 -23.58
C GLN D 379 18.63 -20.21 -23.46
N LEU D 380 19.40 -20.81 -22.56
CA LEU D 380 19.30 -22.22 -22.25
C LEU D 380 17.94 -22.55 -21.60
N PHE D 381 17.34 -21.58 -20.88
CA PHE D 381 16.05 -21.80 -20.22
C PHE D 381 14.82 -21.64 -21.13
N MET D 382 15.03 -20.96 -22.25
CA MET D 382 13.97 -20.71 -23.23
C MET D 382 14.00 -21.68 -24.41
N GLU D 383 15.20 -22.24 -24.66
CA GLU D 383 15.50 -23.22 -25.72
C GLU D 383 14.36 -24.23 -25.89
N ASN D 384 13.82 -24.28 -27.11
CA ASN D 384 12.69 -25.15 -27.54
C ASN D 384 11.50 -25.28 -26.55
N LYS D 385 10.95 -24.11 -26.24
CA LYS D 385 9.82 -23.95 -25.33
C LYS D 385 8.77 -23.04 -25.96
N GLN D 386 7.51 -23.34 -25.60
CA GLN D 386 6.33 -22.61 -26.05
C GLN D 386 6.14 -21.32 -25.23
N PRO D 387 5.60 -20.22 -25.83
CA PRO D 387 5.39 -18.94 -25.14
C PRO D 387 4.55 -19.02 -23.84
N GLU D 388 3.63 -19.98 -23.81
CA GLU D 388 2.74 -20.24 -22.69
C GLU D 388 3.41 -21.00 -21.52
N ASP D 389 4.67 -21.42 -21.68
CA ASP D 389 5.36 -22.17 -20.65
C ASP D 389 6.31 -21.42 -19.74
N ASP D 390 6.61 -22.03 -18.60
CA ASP D 390 7.48 -21.47 -17.56
C ASP D 390 8.93 -21.25 -17.98
N LEU D 391 9.52 -20.14 -17.55
CA LEU D 391 10.92 -19.83 -17.81
C LEU D 391 11.70 -20.70 -16.89
N PHE D 392 11.18 -20.92 -15.69
CA PHE D 392 11.84 -21.76 -14.71
C PHE D 392 11.11 -23.11 -14.48
N ASP D 393 11.44 -24.08 -15.33
CA ASP D 393 10.88 -25.42 -15.26
C ASP D 393 11.55 -26.21 -14.13
N ARG D 394 10.72 -26.83 -13.28
CA ARG D 394 11.16 -27.56 -12.09
C ARG D 394 11.90 -26.62 -11.10
N LEU D 395 11.19 -25.51 -10.85
CA LEU D 395 11.52 -24.43 -9.92
C LEU D 395 10.22 -23.68 -9.58
N ASN D 396 10.03 -23.48 -8.30
CA ASN D 396 8.91 -22.75 -7.78
C ASN D 396 9.39 -22.10 -6.47
N THR D 397 8.62 -21.17 -5.92
CA THR D 397 8.96 -20.48 -4.69
C THR D 397 9.30 -21.36 -3.52
N GLY D 398 8.73 -22.57 -3.48
CA GLY D 398 8.99 -23.52 -2.42
C GLY D 398 10.43 -23.99 -2.41
N ILE D 399 10.95 -24.27 -3.61
CA ILE D 399 12.34 -24.75 -3.80
C ILE D 399 13.36 -23.67 -3.46
N LEU D 400 13.05 -22.46 -3.92
CA LEU D 400 13.87 -21.29 -3.72
C LEU D 400 14.02 -20.96 -2.27
N ASN D 401 12.89 -21.01 -1.55
CA ASN D 401 12.86 -20.69 -0.12
C ASN D 401 13.48 -21.75 0.73
N LYS D 402 13.54 -22.98 0.18
CA LYS D 402 14.14 -24.17 0.85
C LYS D 402 15.67 -23.99 0.85
N HIS D 403 16.18 -23.47 -0.27
CA HIS D 403 17.59 -23.17 -0.43
C HIS D 403 17.91 -21.97 0.46
N LEU D 404 17.15 -20.89 0.30
CA LEU D 404 17.38 -19.67 1.10
C LEU D 404 17.46 -19.94 2.60
N GLN D 405 16.62 -20.87 3.06
CA GLN D 405 16.56 -21.26 4.47
C GLN D 405 17.81 -22.00 4.92
N ASP D 406 18.45 -22.72 4.00
CA ASP D 406 19.69 -23.41 4.32
C ASP D 406 20.80 -22.34 4.43
N LEU D 407 20.84 -21.42 3.45
CA LEU D 407 21.81 -20.34 3.41
C LEU D 407 21.81 -19.51 4.71
N MET D 408 20.67 -18.94 5.09
CA MET D 408 20.60 -18.21 6.36
C MET D 408 19.39 -18.70 7.16
N GLU D 409 19.55 -18.82 8.47
CA GLU D 409 18.48 -19.27 9.37
C GLU D 409 17.37 -18.23 9.27
N GLY D 410 16.20 -18.70 8.91
CA GLY D 410 15.07 -17.80 8.79
C GLY D 410 14.91 -17.01 7.51
N LEU D 411 15.77 -17.24 6.51
CA LEU D 411 15.66 -16.50 5.25
C LEU D 411 14.51 -16.99 4.38
N THR D 412 14.04 -16.13 3.46
CA THR D 412 12.93 -16.36 2.50
C THR D 412 13.11 -15.26 1.48
N ALA D 413 12.41 -15.28 0.36
CA ALA D 413 12.63 -14.27 -0.70
C ALA D 413 12.19 -12.81 -0.60
N LYS D 414 11.21 -12.48 0.25
CA LYS D 414 10.79 -11.07 0.43
C LYS D 414 11.90 -10.31 1.12
N VAL D 415 12.65 -10.98 2.01
CA VAL D 415 13.76 -10.38 2.74
C VAL D 415 14.73 -9.73 1.77
N PHE D 416 14.76 -10.20 0.53
CA PHE D 416 15.64 -9.60 -0.45
C PHE D 416 15.14 -8.27 -0.92
N ARG D 417 13.84 -8.07 -0.83
CA ARG D 417 13.22 -6.81 -1.20
C ARG D 417 13.28 -5.86 0.00
N THR D 418 13.21 -6.42 1.23
CA THR D 418 13.27 -5.61 2.44
C THR D 418 14.66 -5.07 2.68
N TYR D 419 15.67 -5.93 2.48
CA TYR D 419 17.06 -5.58 2.63
C TYR D 419 17.43 -4.53 1.55
N ASN D 420 17.22 -4.87 0.28
CA ASN D 420 17.55 -3.95 -0.80
C ASN D 420 16.81 -2.63 -0.67
N ALA D 421 15.66 -2.68 -0.02
CA ALA D 421 14.88 -1.47 0.17
C ALA D 421 15.55 -0.65 1.23
N SER D 422 15.75 -1.26 2.41
CA SER D 422 16.39 -0.59 3.54
C SER D 422 17.82 -0.09 3.34
N ILE D 423 18.72 -0.98 2.89
CA ILE D 423 20.11 -0.65 2.64
C ILE D 423 20.24 0.45 1.58
N THR D 424 19.25 0.58 0.70
CA THR D 424 19.30 1.63 -0.30
C THR D 424 18.76 2.95 0.27
N LEU D 425 17.88 2.88 1.27
CA LEU D 425 17.38 4.12 1.87
C LEU D 425 18.49 4.74 2.70
N GLN D 426 19.17 3.92 3.51
CA GLN D 426 20.24 4.39 4.38
C GLN D 426 21.46 4.93 3.69
N GLN D 427 21.91 4.21 2.67
CA GLN D 427 23.12 4.56 1.95
C GLN D 427 22.90 5.77 1.06
N GLN D 428 21.65 5.99 0.66
CA GLN D 428 21.33 7.11 -0.19
C GLN D 428 21.04 8.37 0.60
N LEU D 429 20.77 8.21 1.88
CA LEU D 429 20.54 9.36 2.75
C LEU D 429 21.91 9.93 3.09
N LYS D 430 22.90 9.04 3.15
CA LYS D 430 24.29 9.37 3.44
C LYS D 430 24.83 10.11 2.22
N GLU D 431 24.45 9.67 1.02
CA GLU D 431 24.85 10.25 -0.28
C GLU D 431 24.06 11.47 -0.71
N LEU D 432 23.04 11.83 0.06
CA LEU D 432 22.26 12.98 -0.31
C LEU D 432 22.30 14.06 0.72
N THR D 433 21.74 13.79 1.91
CA THR D 433 21.71 14.73 3.02
C THR D 433 23.03 15.45 3.23
N ALA D 434 22.98 16.76 3.02
CA ALA D 434 24.12 17.64 3.17
C ALA D 434 23.95 18.45 4.45
N PRO D 435 25.04 18.59 5.26
CA PRO D 435 25.04 19.34 6.52
C PRO D 435 24.62 20.77 6.43
N ASP D 436 25.02 21.37 5.32
CA ASP D 436 24.81 22.75 4.98
C ASP D 436 23.32 23.12 4.79
N GLU D 437 22.60 22.27 4.05
CA GLU D 437 21.18 22.41 3.67
C GLU D 437 20.20 22.66 4.80
N ASN D 438 19.17 23.45 4.52
CA ASN D 438 18.15 23.76 5.52
C ASN D 438 17.12 22.64 5.66
N ILE D 439 16.32 22.74 6.71
CA ILE D 439 15.30 21.76 7.06
C ILE D 439 14.35 21.23 5.95
N PRO D 440 13.77 22.08 5.09
CA PRO D 440 12.90 21.45 4.09
C PRO D 440 13.67 20.89 2.92
N ALA D 441 14.97 21.14 2.91
CA ALA D 441 15.81 20.62 1.83
C ALA D 441 16.23 19.21 2.18
N LYS D 442 16.36 18.96 3.48
CA LYS D 442 16.71 17.62 3.98
C LYS D 442 15.51 16.73 3.60
N ILE D 443 14.30 17.19 3.93
CA ILE D 443 13.08 16.49 3.55
C ILE D 443 13.12 16.12 2.05
N LEU D 444 13.63 17.00 1.20
CA LEU D 444 13.70 16.70 -0.24
C LEU D 444 14.75 15.65 -0.51
N SER D 445 15.88 15.73 0.21
CA SER D 445 17.00 14.78 0.05
C SER D 445 16.52 13.39 0.49
N TYR D 446 15.69 13.39 1.55
CA TYR D 446 15.07 12.19 2.10
C TYR D 446 14.07 11.61 1.13
N ASN D 447 13.17 12.47 0.66
CA ASN D 447 12.14 12.03 -0.28
C ASN D 447 12.75 11.53 -1.57
N ARG D 448 13.95 12.03 -1.90
CA ARG D 448 14.65 11.59 -3.11
C ARG D 448 15.28 10.21 -2.90
N ALA D 449 15.58 9.90 -1.64
CA ALA D 449 16.12 8.60 -1.23
C ALA D 449 14.96 7.58 -1.20
N ASN D 450 13.85 8.02 -0.62
CA ASN D 450 12.63 7.22 -0.51
C ASN D 450 12.25 6.81 -1.94
N ARG D 451 12.30 7.79 -2.82
CA ARG D 451 11.99 7.62 -4.23
C ARG D 451 12.82 6.54 -4.90
N ALA D 452 14.11 6.50 -4.54
CA ALA D 452 15.06 5.55 -5.08
C ALA D 452 14.66 4.10 -4.84
N VAL D 453 13.99 3.88 -3.71
CA VAL D 453 13.51 2.57 -3.28
C VAL D 453 12.26 2.20 -4.04
N ALA D 454 11.39 3.19 -4.17
CA ALA D 454 10.16 2.99 -4.88
C ALA D 454 10.37 2.68 -6.35
N ILE D 455 11.43 3.24 -6.96
CA ILE D 455 11.67 2.89 -8.35
C ILE D 455 12.23 1.46 -8.44
N LEU D 456 13.01 1.06 -7.42
CA LEU D 456 13.59 -0.28 -7.36
C LEU D 456 12.50 -1.31 -7.18
N CYS D 457 11.69 -1.10 -6.14
CA CYS D 457 10.59 -1.98 -5.79
C CYS D 457 9.38 -1.94 -6.73
N ASN D 458 9.47 -1.12 -7.80
CA ASN D 458 8.42 -0.90 -8.84
C ASN D 458 7.10 -0.38 -8.27
N HIS D 459 7.20 0.41 -7.18
CA HIS D 459 6.03 0.99 -6.52
C HIS D 459 5.39 2.17 -7.21
N GLN D 460 4.89 1.91 -8.41
CA GLN D 460 4.25 2.91 -9.24
C GLN D 460 2.92 3.41 -8.76
N ARG D 461 2.57 4.54 -9.36
CA ARG D 461 1.36 5.30 -9.09
C ARG D 461 1.01 5.90 -10.43
N ALA D 462 -0.28 6.18 -10.61
CA ALA D 462 -0.78 6.82 -11.82
C ALA D 462 -1.08 8.26 -11.35
N PRO D 463 -0.60 9.31 -12.09
CA PRO D 463 -0.83 10.72 -11.73
C PRO D 463 -2.34 11.02 -11.60
N PRO D 464 -2.82 11.48 -10.41
CA PRO D 464 -4.25 11.79 -10.12
C PRO D 464 -5.07 12.40 -11.27
N LYS D 465 -6.17 11.71 -11.62
CA LYS D 465 -7.10 12.04 -12.74
C LYS D 465 -7.43 13.51 -13.04
N THR D 466 -6.63 14.12 -13.95
CA THR D 466 -6.70 15.53 -14.40
C THR D 466 -6.55 16.54 -13.24
N PHE D 467 -5.84 16.10 -12.19
CA PHE D 467 -5.58 16.93 -11.02
C PHE D 467 -4.14 17.44 -11.09
N GLU D 468 -3.46 17.19 -12.23
CA GLU D 468 -2.07 17.64 -12.42
C GLU D 468 -1.87 18.96 -13.18
N LYS D 469 -2.84 19.84 -12.98
CA LYS D 469 -2.81 21.20 -13.50
C LYS D 469 -2.55 22.01 -12.22
N SER D 470 -2.45 21.27 -11.10
CA SER D 470 -2.18 21.81 -9.77
C SER D 470 -0.66 21.97 -9.60
N MET D 471 0.03 21.80 -10.72
CA MET D 471 1.48 21.96 -10.83
C MET D 471 1.68 23.39 -11.33
N MET D 472 0.66 23.91 -12.03
CA MET D 472 0.64 25.29 -12.54
C MET D 472 0.24 26.20 -11.38
N ASN D 473 -0.65 25.70 -10.50
CA ASN D 473 -1.14 26.46 -9.33
C ASN D 473 -0.29 26.32 -8.04
N LEU D 474 0.97 25.95 -8.26
CA LEU D 474 1.96 25.77 -7.21
C LEU D 474 3.17 26.47 -7.74
N GLN D 475 3.23 26.55 -9.06
CA GLN D 475 4.30 27.22 -9.80
C GLN D 475 3.93 28.70 -9.95
N THR D 476 2.63 29.02 -9.91
CA THR D 476 2.20 30.41 -10.00
C THR D 476 2.56 31.07 -8.67
N LYS D 477 2.45 30.32 -7.57
CA LYS D 477 2.80 30.79 -6.22
C LYS D 477 4.29 31.10 -6.16
N ILE D 478 5.07 30.39 -6.98
CA ILE D 478 6.53 30.57 -7.08
C ILE D 478 6.85 31.76 -7.95
N ASP D 479 6.21 31.86 -9.12
CA ASP D 479 6.43 33.00 -10.03
C ASP D 479 5.74 34.24 -9.47
N ALA D 480 5.44 34.20 -8.18
CA ALA D 480 4.80 35.27 -7.43
C ALA D 480 5.76 35.62 -6.34
N LYS D 481 6.26 34.61 -5.65
CA LYS D 481 7.23 34.84 -4.59
C LYS D 481 8.55 35.34 -5.22
N LYS D 482 8.79 35.05 -6.51
CA LYS D 482 9.98 35.52 -7.21
C LYS D 482 9.84 37.05 -7.42
N GLU D 483 8.60 37.57 -7.43
CA GLU D 483 8.35 39.02 -7.60
C GLU D 483 8.44 39.79 -6.29
N GLN D 484 8.10 39.11 -5.19
CA GLN D 484 8.15 39.67 -3.85
C GLN D 484 9.59 39.83 -3.43
N LEU D 485 10.43 38.94 -3.94
CA LEU D 485 11.84 38.93 -3.64
C LEU D 485 12.56 39.71 -4.70
N ALA D 486 11.94 39.87 -5.87
CA ALA D 486 12.58 40.62 -6.96
C ALA D 486 12.77 42.03 -6.48
N ASP D 487 11.72 42.50 -5.80
CA ASP D 487 11.66 43.84 -5.26
C ASP D 487 12.26 44.04 -3.89
N ALA D 488 12.58 42.97 -3.17
CA ALA D 488 13.23 43.11 -1.87
C ALA D 488 14.69 43.37 -2.18
N ARG D 489 15.09 43.03 -3.40
CA ARG D 489 16.45 43.23 -3.88
C ARG D 489 16.52 44.61 -4.48
N ARG D 490 15.49 44.98 -5.24
CA ARG D 490 15.40 46.32 -5.85
C ARG D 490 15.29 47.40 -4.72
N ASP D 491 14.78 47.01 -3.54
CA ASP D 491 14.62 47.89 -2.36
C ASP D 491 15.92 47.97 -1.59
N LEU D 492 16.73 46.93 -1.74
CA LEU D 492 18.04 46.84 -1.10
C LEU D 492 19.01 47.64 -1.96
N LYS D 493 18.85 47.54 -3.28
CA LYS D 493 19.71 48.27 -4.21
C LYS D 493 19.55 49.78 -4.13
N SER D 494 18.49 50.22 -3.44
CA SER D 494 18.26 51.65 -3.22
C SER D 494 18.98 52.02 -1.94
N ALA D 495 18.98 51.11 -0.97
CA ALA D 495 19.64 51.30 0.33
C ALA D 495 21.19 51.31 0.25
N LYS D 496 21.74 50.72 -0.81
CA LYS D 496 23.19 50.66 -1.07
C LYS D 496 23.65 51.87 -1.93
N ALA D 497 22.71 52.78 -2.20
CA ALA D 497 22.94 54.02 -2.97
C ALA D 497 22.66 55.18 -2.01
N ASP D 498 22.14 54.83 -0.84
CA ASP D 498 21.81 55.76 0.24
C ASP D 498 22.79 55.56 1.39
N ALA D 499 23.52 54.44 1.38
CA ALA D 499 24.53 54.13 2.40
C ALA D 499 25.91 54.61 1.95
N LYS D 500 25.96 55.18 0.75
CA LYS D 500 27.17 55.73 0.13
C LYS D 500 27.24 57.23 0.49
N VAL D 501 26.14 57.95 0.24
CA VAL D 501 26.00 59.36 0.61
C VAL D 501 25.09 59.28 1.83
N MET D 502 25.64 59.68 2.99
CA MET D 502 25.02 59.65 4.34
C MET D 502 25.29 58.26 4.91
N LYS D 503 26.29 58.17 5.80
CA LYS D 503 26.68 56.91 6.42
C LYS D 503 26.57 56.98 7.95
N ASP D 504 25.33 56.99 8.45
CA ASP D 504 25.08 57.07 9.89
C ASP D 504 24.34 55.89 10.52
N ALA D 505 24.00 56.02 11.82
CA ALA D 505 23.31 55.01 12.63
C ALA D 505 21.87 54.67 12.21
N LYS D 506 21.31 55.49 11.33
CA LYS D 506 19.94 55.30 10.79
C LYS D 506 20.00 55.35 9.24
N THR D 507 20.93 54.58 8.66
CA THR D 507 21.14 54.43 7.20
C THR D 507 21.86 53.12 6.94
N LYS D 508 23.04 52.99 7.54
CA LYS D 508 23.93 51.82 7.47
C LYS D 508 23.34 50.60 8.23
N LYS D 509 22.36 50.86 9.09
CA LYS D 509 21.67 49.84 9.88
C LYS D 509 20.27 49.56 9.32
N VAL D 510 19.85 50.37 8.34
CA VAL D 510 18.55 50.20 7.70
C VAL D 510 18.75 49.27 6.48
N VAL D 511 20.01 49.04 6.11
CA VAL D 511 20.37 48.14 5.00
C VAL D 511 20.37 46.71 5.52
N GLU D 512 20.87 46.55 6.75
CA GLU D 512 20.97 45.27 7.44
C GLU D 512 19.58 44.66 7.74
N SER D 513 18.53 45.47 7.63
CA SER D 513 17.14 45.04 7.86
C SER D 513 16.40 44.93 6.53
N LYS D 514 17.11 45.19 5.43
CA LYS D 514 16.56 45.10 4.08
C LYS D 514 17.29 43.98 3.32
N LYS D 515 18.31 43.42 3.97
CA LYS D 515 19.11 42.32 3.43
C LYS D 515 18.63 41.11 4.20
N LYS D 516 18.17 41.33 5.44
CA LYS D 516 17.63 40.27 6.29
C LYS D 516 16.26 39.95 5.74
N ALA D 517 15.67 40.93 5.04
CA ALA D 517 14.38 40.75 4.44
C ALA D 517 14.51 40.05 3.11
N VAL D 518 15.71 40.08 2.50
CA VAL D 518 15.94 39.35 1.23
C VAL D 518 16.13 37.91 1.67
N GLN D 519 16.87 37.72 2.76
CA GLN D 519 17.11 36.39 3.33
C GLN D 519 15.83 35.67 3.76
N ARG D 520 14.96 36.35 4.52
CA ARG D 520 13.68 35.76 4.97
C ARG D 520 12.75 35.37 3.84
N LEU D 521 12.94 35.98 2.67
CA LEU D 521 12.13 35.65 1.51
C LEU D 521 12.86 34.70 0.55
N GLU D 522 14.15 34.47 0.79
CA GLU D 522 14.95 33.55 -0.03
C GLU D 522 14.63 32.17 0.49
N GLU D 523 14.73 32.03 1.81
CA GLU D 523 14.45 30.80 2.54
C GLU D 523 12.99 30.38 2.37
N GLN D 524 12.16 31.31 1.89
CA GLN D 524 10.75 31.02 1.62
C GLN D 524 10.60 30.50 0.19
N LEU D 525 11.21 31.19 -0.78
CA LEU D 525 11.15 30.81 -2.20
C LEU D 525 11.77 29.44 -2.43
N MET D 526 12.85 29.19 -1.69
CA MET D 526 13.60 27.95 -1.72
C MET D 526 12.76 26.77 -1.24
N LYS D 527 12.03 26.98 -0.15
CA LYS D 527 11.15 25.97 0.44
C LYS D 527 10.06 25.61 -0.60
N LEU D 528 9.47 26.64 -1.18
CA LEU D 528 8.41 26.52 -2.19
C LEU D 528 8.81 25.84 -3.50
N GLU D 529 10.07 26.00 -3.88
CA GLU D 529 10.64 25.45 -5.11
C GLU D 529 11.20 24.06 -4.88
N VAL D 530 11.55 23.77 -3.62
CA VAL D 530 12.08 22.47 -3.25
C VAL D 530 10.87 21.55 -3.18
N GLN D 531 9.72 22.13 -2.83
CA GLN D 531 8.44 21.44 -2.72
C GLN D 531 7.73 21.45 -4.06
N ALA D 532 8.45 21.81 -5.12
CA ALA D 532 7.87 21.80 -6.46
C ALA D 532 8.50 20.68 -7.26
N THR D 533 9.76 20.36 -6.96
CA THR D 533 10.47 19.27 -7.63
C THR D 533 10.30 17.95 -6.88
N ASP D 534 9.86 18.05 -5.62
CA ASP D 534 9.57 16.94 -4.71
C ASP D 534 8.19 16.42 -5.15
N ARG D 535 7.45 17.26 -5.85
CA ARG D 535 6.12 16.92 -6.33
C ARG D 535 6.14 16.39 -7.74
N GLU D 536 7.10 16.87 -8.52
CA GLU D 536 7.28 16.50 -9.91
C GLU D 536 7.95 15.14 -10.11
N GLU D 537 9.14 14.97 -9.51
CA GLU D 537 9.94 13.72 -9.61
C GLU D 537 9.13 12.52 -9.07
N ASN D 538 8.16 12.86 -8.21
CA ASN D 538 7.25 11.93 -7.53
C ASN D 538 5.85 11.95 -8.16
N LYS D 539 5.76 12.00 -9.48
CA LYS D 539 4.44 12.06 -10.14
C LYS D 539 3.93 10.68 -10.53
N GLN D 540 4.86 9.79 -10.87
CA GLN D 540 4.54 8.42 -11.27
C GLN D 540 5.22 7.42 -10.32
N ILE D 541 5.37 7.81 -9.06
CA ILE D 541 6.04 6.99 -8.04
C ILE D 541 5.21 7.08 -6.77
N ALA D 542 5.10 5.97 -6.04
CA ALA D 542 4.32 5.91 -4.79
C ALA D 542 5.26 5.54 -3.66
N LEU D 543 5.47 6.47 -2.72
CA LEU D 543 6.38 6.23 -1.61
C LEU D 543 5.65 5.60 -0.47
N GLY D 544 4.33 5.48 -0.62
CA GLY D 544 3.51 4.90 0.43
C GLY D 544 4.00 3.57 0.99
N THR D 545 3.93 2.52 0.15
CA THR D 545 4.29 1.12 0.50
C THR D 545 5.69 0.97 1.08
N SER D 546 6.69 1.60 0.44
CA SER D 546 8.06 1.54 0.95
C SER D 546 8.20 2.19 2.34
N LYS D 547 7.38 3.20 2.65
CA LYS D 547 7.47 3.90 3.92
C LYS D 547 7.02 3.03 5.05
N LEU D 548 5.82 2.50 4.94
CA LEU D 548 5.31 1.60 5.98
C LEU D 548 5.81 0.14 5.88
N ASN D 549 5.69 -0.48 4.71
CA ASN D 549 6.07 -1.86 4.57
C ASN D 549 7.52 -2.29 4.31
N LEU D 551 11.68 -0.73 4.21
CA LEU D 551 12.37 0.32 5.03
C LEU D 551 12.29 0.35 6.58
N ASP D 552 13.38 -0.10 7.23
CA ASP D 552 13.52 -0.10 8.68
C ASP D 552 13.32 1.32 9.18
N PRO D 553 12.32 1.56 10.04
CA PRO D 553 12.04 2.90 10.56
C PRO D 553 13.11 3.50 11.43
N ARG D 554 14.02 2.65 11.90
CA ARG D 554 15.14 3.10 12.72
C ARG D 554 16.10 3.86 11.81
N ILE D 555 16.20 3.45 10.52
CA ILE D 555 17.07 4.09 9.51
C ILE D 555 16.70 5.54 9.37
N THR D 556 15.41 5.73 9.59
CA THR D 556 14.79 7.01 9.50
C THR D 556 14.98 7.78 10.81
N VAL D 557 14.62 7.18 11.94
CA VAL D 557 14.79 7.87 13.21
C VAL D 557 16.22 8.31 13.46
N ALA D 558 17.18 7.48 13.07
CA ALA D 558 18.61 7.76 13.22
C ALA D 558 18.91 9.06 12.53
N TRP D 559 18.52 9.14 11.26
CA TRP D 559 18.72 10.31 10.43
C TRP D 559 18.06 11.57 10.96
N CYS D 560 16.85 11.45 11.49
CA CYS D 560 16.15 12.62 12.00
C CYS D 560 16.77 13.15 13.27
N LYS D 561 17.28 12.26 14.12
CA LYS D 561 17.91 12.67 15.38
C LYS D 561 19.25 13.28 15.09
N LYS D 562 19.88 12.79 14.03
CA LYS D 562 21.18 13.26 13.57
C LYS D 562 21.17 14.67 12.95
N TRP D 563 20.18 14.94 12.11
CA TRP D 563 20.11 16.23 11.44
C TRP D 563 19.06 17.22 11.98
N GLY D 564 18.61 16.93 13.19
CA GLY D 564 17.63 17.74 13.88
C GLY D 564 16.29 17.98 13.19
N VAL D 565 15.94 17.13 12.22
CA VAL D 565 14.65 17.25 11.52
C VAL D 565 13.61 16.62 12.43
N PRO D 566 12.67 17.44 13.00
CA PRO D 566 11.66 16.87 13.90
C PRO D 566 10.84 15.77 13.23
N ILE D 567 10.94 14.60 13.86
CA ILE D 567 10.31 13.33 13.46
C ILE D 567 8.96 13.39 12.70
N GLU D 568 8.04 14.26 13.16
CA GLU D 568 6.73 14.41 12.57
C GLU D 568 6.72 14.98 11.16
N LYS D 569 7.85 15.57 10.75
CA LYS D 569 8.01 16.11 9.40
C LYS D 569 8.21 14.94 8.41
N ILE D 570 8.49 13.75 8.94
CA ILE D 570 8.67 12.57 8.12
C ILE D 570 7.52 11.58 8.30
N TYR D 571 7.13 11.33 9.55
CA TYR D 571 6.07 10.38 9.88
C TYR D 571 4.80 11.00 10.50
N ASN D 572 3.64 10.81 9.87
CA ASN D 572 2.37 11.33 10.40
C ASN D 572 2.00 10.57 11.68
N LYS D 573 0.79 10.75 12.23
CA LYS D 573 0.44 10.06 13.48
C LYS D 573 0.30 8.54 13.45
N THR D 574 -0.39 7.96 12.46
CA THR D 574 -0.51 6.49 12.41
C THR D 574 0.80 5.80 12.13
N GLN D 575 1.68 6.49 11.38
CA GLN D 575 3.03 6.01 11.05
C GLN D 575 3.91 6.12 12.28
N ARG D 576 3.72 7.18 13.08
CA ARG D 576 4.46 7.41 14.33
C ARG D 576 4.06 6.32 15.33
N GLU D 577 2.76 6.04 15.39
CA GLU D 577 2.18 5.02 16.27
C GLU D 577 2.70 3.62 15.98
N LYS D 578 2.78 3.29 14.68
CA LYS D 578 3.24 1.98 14.17
C LYS D 578 4.68 1.80 14.45
N PHE D 579 5.39 2.93 14.28
CA PHE D 579 6.83 3.03 14.45
C PHE D 579 7.26 3.57 15.75
N ALA D 580 6.34 3.54 16.73
CA ALA D 580 6.60 4.04 18.07
C ALA D 580 7.67 3.24 18.80
N TRP D 581 7.98 2.05 18.29
CA TRP D 581 9.05 1.20 18.86
C TRP D 581 10.40 1.64 18.38
N ALA D 582 10.46 2.27 17.21
CA ALA D 582 11.75 2.69 16.65
C ALA D 582 12.14 4.03 17.17
N ILE D 583 11.17 4.96 17.15
CA ILE D 583 11.32 6.33 17.62
C ILE D 583 11.98 6.39 19.00
N ASP D 584 11.46 5.59 19.93
CA ASP D 584 12.02 5.57 21.27
C ASP D 584 13.40 4.89 21.40
N MET D 585 13.60 3.84 20.62
CA MET D 585 14.81 3.04 20.68
C MET D 585 16.11 3.54 20.04
N ALA D 586 16.14 3.66 18.71
CA ALA D 586 17.32 4.08 17.95
C ALA D 586 17.93 5.43 18.24
N ASP D 587 19.25 5.36 18.36
CA ASP D 587 20.15 6.49 18.60
C ASP D 587 20.48 7.12 17.25
N GLU D 588 21.11 8.30 17.25
CA GLU D 588 21.48 9.01 16.01
C GLU D 588 22.50 8.24 15.19
N ASP D 589 23.15 7.32 15.88
CA ASP D 589 24.20 6.56 15.30
C ASP D 589 23.85 5.21 14.73
N TYR D 590 22.58 4.80 14.91
CA TYR D 590 22.05 3.52 14.41
C TYR D 590 22.38 3.23 12.95
N GLU D 591 22.89 2.03 12.69
CA GLU D 591 23.22 1.65 11.32
C GLU D 591 22.68 0.28 10.99
N PHE D 592 21.75 0.24 10.04
CA PHE D 592 21.10 -0.99 9.54
C PHE D 592 22.16 -2.01 9.12
#